data_6SJK
#
_entry.id   6SJK
#
_cell.length_a   76.110
_cell.length_b   84.060
_cell.length_c   86.790
_cell.angle_alpha   90.000
_cell.angle_beta   90.000
_cell.angle_gamma   90.000
#
_symmetry.space_group_name_H-M   'P 21 21 21'
#
loop_
_entity.id
_entity.type
_entity.pdbx_description
1 polymer 'Tetrahydromethanopterin S-methyltransferase'
2 non-polymer GLYCEROL
3 water water
#
_entity_poly.entity_id   1
_entity_poly.type   'polypeptide(L)'
_entity_poly.pdbx_seq_one_letter_code
;GSFKFTAQQHVYDINGVKVGGQPGEYPTVLIGSIFYRGHKIVSDGQKGIFDKDAAKALLDQEAELSAETGNPFIIDVLGE
SVEALTKYVEFILENTTAPFLLDSISPDVRVGALKNLGKDPEIQKRLIYNSIEEHYTEEELAAIKEAGLKTAVILAFSKK
ALKPNARIDLLQGKDDKEGLIAAAKRAGIEQFLVDPGVLDVASNSWTTEAINVVKEQFGYPGGCAPSNAVYLWKKMRSKG
TPFFEVAGAAVFTYPITQGADFILYGPMMNAPWVYRAIATTDAMIAYNNKLTGVKMGTTEHPLLKIF
;
_entity_poly.pdbx_strand_id   A,B
#
loop_
_chem_comp.id
_chem_comp.type
_chem_comp.name
_chem_comp.formula
GOL non-polymer GLYCEROL 'C3 H8 O3'
#
# COMPACT_ATOMS: atom_id res chain seq x y z
N LYS A 4 -12.06 10.28 8.70
CA LYS A 4 -13.50 9.94 8.65
C LYS A 4 -14.19 10.84 7.61
N PHE A 5 -15.26 10.35 6.97
CA PHE A 5 -16.06 11.09 5.95
C PHE A 5 -17.29 11.72 6.61
N THR A 6 -17.59 12.96 6.22
CA THR A 6 -18.68 13.81 6.77
C THR A 6 -20.05 13.17 6.47
N ALA A 7 -20.30 12.86 5.20
CA ALA A 7 -21.56 12.23 4.73
C ALA A 7 -21.73 10.88 5.42
N GLN A 8 -22.96 10.55 5.83
CA GLN A 8 -23.32 9.17 6.27
C GLN A 8 -23.08 8.24 5.09
N GLN A 9 -22.22 7.24 5.26
CA GLN A 9 -21.82 6.30 4.19
C GLN A 9 -22.96 5.33 3.91
N HIS A 10 -23.34 5.20 2.64
CA HIS A 10 -24.22 4.11 2.13
C HIS A 10 -23.48 2.78 2.30
N VAL A 11 -24.07 1.84 3.04
CA VAL A 11 -23.62 0.42 3.09
C VAL A 11 -24.70 -0.42 2.42
N TYR A 12 -24.42 -0.94 1.22
CA TYR A 12 -25.34 -1.82 0.47
C TYR A 12 -25.11 -3.27 0.93
N ASP A 13 -26.19 -4.04 0.97
CA ASP A 13 -26.18 -5.51 1.17
C ASP A 13 -26.61 -6.15 -0.14
N ILE A 14 -25.63 -6.60 -0.95
CA ILE A 14 -25.86 -7.25 -2.27
C ILE A 14 -25.77 -8.77 -2.07
N ASN A 15 -26.91 -9.40 -1.83
CA ASN A 15 -27.03 -10.87 -1.61
C ASN A 15 -26.04 -11.28 -0.52
N GLY A 16 -25.94 -10.49 0.55
CA GLY A 16 -25.13 -10.79 1.76
C GLY A 16 -23.82 -10.03 1.79
N VAL A 17 -23.30 -9.59 0.65
CA VAL A 17 -22.02 -8.83 0.54
C VAL A 17 -22.27 -7.38 0.98
N LYS A 18 -21.61 -6.96 2.06
CA LYS A 18 -21.63 -5.56 2.56
C LYS A 18 -20.55 -4.78 1.80
N VAL A 19 -20.93 -3.65 1.20
CA VAL A 19 -19.97 -2.77 0.46
C VAL A 19 -20.26 -1.31 0.80
N GLY A 20 -19.21 -0.57 1.20
CA GLY A 20 -19.27 0.83 1.61
C GLY A 20 -18.88 0.98 3.07
N GLY A 21 -19.23 2.13 3.67
CA GLY A 21 -19.02 2.43 5.09
C GLY A 21 -17.79 3.29 5.31
N GLN A 22 -17.57 3.69 6.55
CA GLN A 22 -16.38 4.49 6.97
C GLN A 22 -15.16 3.59 6.91
N PRO A 23 -13.94 4.15 6.73
CA PRO A 23 -12.72 3.35 6.72
C PRO A 23 -12.59 2.49 7.99
N GLY A 24 -12.36 1.18 7.81
CA GLY A 24 -12.15 0.20 8.90
C GLY A 24 -13.43 -0.46 9.35
N GLU A 25 -14.58 -0.02 8.83
CA GLU A 25 -15.93 -0.50 9.24
C GLU A 25 -16.17 -1.89 8.63
N TYR A 26 -15.96 -2.02 7.32
CA TYR A 26 -16.18 -3.27 6.55
C TYR A 26 -14.92 -3.62 5.75
N PRO A 27 -14.60 -4.93 5.61
CA PRO A 27 -13.46 -5.34 4.79
C PRO A 27 -13.68 -4.96 3.33
N THR A 28 -12.59 -4.81 2.59
CA THR A 28 -12.57 -4.56 1.12
C THR A 28 -13.29 -5.70 0.42
N VAL A 29 -14.23 -5.38 -0.48
CA VAL A 29 -14.87 -6.35 -1.41
C VAL A 29 -13.92 -6.51 -2.60
N LEU A 30 -13.54 -7.75 -2.92
CA LEU A 30 -12.57 -8.08 -3.99
C LEU A 30 -13.31 -8.66 -5.18
N ILE A 31 -13.09 -8.07 -6.36
CA ILE A 31 -13.86 -8.41 -7.60
C ILE A 31 -12.86 -8.95 -8.62
N GLY A 32 -12.83 -10.28 -8.78
CA GLY A 32 -11.94 -11.00 -9.72
C GLY A 32 -12.62 -11.23 -11.05
N SER A 33 -11.85 -11.12 -12.14
CA SER A 33 -12.33 -11.24 -13.54
C SER A 33 -12.24 -12.68 -14.04
N ILE A 34 -13.24 -13.12 -14.79
CA ILE A 34 -13.32 -14.47 -15.41
C ILE A 34 -13.89 -14.32 -16.82
N PHE A 35 -13.38 -15.11 -17.77
CA PHE A 35 -13.76 -15.13 -19.21
C PHE A 35 -13.38 -13.81 -19.87
N TYR A 36 -12.37 -13.12 -19.33
CA TYR A 36 -11.71 -11.92 -19.93
C TYR A 36 -11.04 -12.34 -21.24
N ARG A 37 -10.76 -11.37 -22.13
CA ARG A 37 -10.08 -11.60 -23.44
C ARG A 37 -8.73 -12.26 -23.17
N GLY A 38 -8.51 -13.44 -23.75
CA GLY A 38 -7.25 -14.20 -23.63
C GLY A 38 -7.24 -15.18 -22.46
N HIS A 39 -8.33 -15.26 -21.68
CA HIS A 39 -8.47 -16.24 -20.57
C HIS A 39 -8.36 -17.65 -21.15
N LYS A 40 -7.38 -18.43 -20.69
CA LYS A 40 -7.00 -19.73 -21.30
C LYS A 40 -8.10 -20.78 -21.06
N ILE A 41 -9.06 -20.54 -20.17
CA ILE A 41 -10.19 -21.48 -19.89
C ILE A 41 -11.32 -21.25 -20.92
N VAL A 42 -11.20 -20.24 -21.78
CA VAL A 42 -12.13 -20.00 -22.93
C VAL A 42 -11.42 -20.41 -24.22
N SER A 43 -12.02 -21.31 -25.01
CA SER A 43 -11.51 -21.79 -26.32
C SER A 43 -12.22 -21.06 -27.48
N ASP A 44 -13.45 -20.59 -27.25
CA ASP A 44 -14.27 -19.85 -28.26
C ASP A 44 -15.10 -18.80 -27.53
N GLY A 45 -14.65 -17.54 -27.59
CA GLY A 45 -15.29 -16.39 -26.91
C GLY A 45 -16.55 -15.93 -27.61
N GLN A 46 -16.82 -16.40 -28.84
CA GLN A 46 -18.04 -16.06 -29.61
C GLN A 46 -19.18 -17.01 -29.21
N LYS A 47 -18.90 -18.32 -29.10
CA LYS A 47 -19.89 -19.36 -28.72
C LYS A 47 -19.93 -19.55 -27.19
N GLY A 48 -18.88 -19.12 -26.49
CA GLY A 48 -18.78 -19.27 -25.02
C GLY A 48 -18.48 -20.71 -24.63
N ILE A 49 -17.55 -21.35 -25.32
CA ILE A 49 -17.02 -22.70 -24.97
C ILE A 49 -15.90 -22.48 -23.94
N PHE A 50 -16.11 -22.96 -22.71
CA PHE A 50 -15.18 -22.73 -21.57
C PHE A 50 -15.05 -24.00 -20.73
N ASP A 51 -13.97 -24.07 -19.97
CA ASP A 51 -13.60 -25.19 -19.07
C ASP A 51 -14.41 -25.05 -17.78
N LYS A 52 -15.51 -25.79 -17.65
CA LYS A 52 -16.45 -25.71 -16.49
C LYS A 52 -15.73 -26.14 -15.21
N ASP A 53 -14.91 -27.20 -15.28
CA ASP A 53 -14.10 -27.70 -14.15
C ASP A 53 -13.15 -26.61 -13.65
N ALA A 54 -12.43 -25.95 -14.56
CA ALA A 54 -11.44 -24.89 -14.24
C ALA A 54 -12.17 -23.67 -13.67
N ALA A 55 -13.32 -23.30 -14.25
CA ALA A 55 -14.17 -22.17 -13.80
C ALA A 55 -14.67 -22.44 -12.37
N LYS A 56 -15.14 -23.67 -12.11
CA LYS A 56 -15.60 -24.10 -10.76
C LYS A 56 -14.44 -24.00 -9.76
N ALA A 57 -13.23 -24.42 -10.17
CA ALA A 57 -12.02 -24.44 -9.31
C ALA A 57 -11.66 -23.00 -8.91
N LEU A 58 -11.72 -22.05 -9.84
CA LEU A 58 -11.47 -20.61 -9.57
C LEU A 58 -12.51 -20.07 -8.57
N LEU A 59 -13.78 -20.39 -8.78
CA LEU A 59 -14.90 -19.96 -7.88
C LEU A 59 -14.72 -20.56 -6.49
N ASP A 60 -14.32 -21.83 -6.41
CA ASP A 60 -14.08 -22.55 -5.13
C ASP A 60 -12.86 -21.94 -4.43
N GLN A 61 -11.81 -21.61 -5.18
CA GLN A 61 -10.59 -20.93 -4.66
C GLN A 61 -11.00 -19.58 -4.06
N GLU A 62 -11.87 -18.84 -4.75
CA GLU A 62 -12.34 -17.49 -4.32
C GLU A 62 -13.09 -17.63 -2.98
N ALA A 63 -13.97 -18.61 -2.88
CA ALA A 63 -14.76 -18.92 -1.66
C ALA A 63 -13.82 -19.26 -0.50
N GLU A 64 -12.77 -20.05 -0.76
CA GLU A 64 -11.78 -20.49 0.27
C GLU A 64 -10.96 -19.28 0.76
N LEU A 65 -10.46 -18.46 -0.16
CA LEU A 65 -9.65 -17.26 0.17
C LEU A 65 -10.51 -16.26 0.96
N SER A 66 -11.76 -16.06 0.53
CA SER A 66 -12.75 -15.19 1.21
C SER A 66 -12.98 -15.65 2.65
N ALA A 67 -13.16 -16.96 2.86
CA ALA A 67 -13.36 -17.60 4.18
C ALA A 67 -12.13 -17.39 5.07
N GLU A 68 -10.93 -17.43 4.48
CA GLU A 68 -9.64 -17.32 5.21
C GLU A 68 -9.45 -15.89 5.73
N THR A 69 -9.68 -14.87 4.90
CA THR A 69 -9.36 -13.45 5.20
C THR A 69 -10.58 -12.67 5.70
N GLY A 70 -11.78 -12.99 5.22
CA GLY A 70 -13.02 -12.27 5.56
C GLY A 70 -13.42 -11.27 4.48
N ASN A 71 -12.56 -11.08 3.45
CA ASN A 71 -12.84 -10.20 2.29
C ASN A 71 -13.95 -10.84 1.46
N PRO A 72 -15.15 -10.22 1.37
CA PRO A 72 -16.21 -10.72 0.51
C PRO A 72 -15.79 -10.60 -0.97
N PHE A 73 -16.46 -11.32 -1.86
CA PHE A 73 -16.12 -11.30 -3.31
C PHE A 73 -17.38 -11.13 -4.14
N ILE A 74 -17.20 -10.41 -5.25
CA ILE A 74 -18.15 -10.25 -6.39
C ILE A 74 -17.38 -10.65 -7.65
N ILE A 75 -17.96 -11.51 -8.49
CA ILE A 75 -17.27 -12.03 -9.72
C ILE A 75 -17.48 -11.01 -10.85
N ASP A 76 -16.41 -10.63 -11.53
CA ASP A 76 -16.46 -9.76 -12.74
C ASP A 76 -16.58 -10.67 -13.98
N VAL A 77 -17.80 -10.85 -14.49
CA VAL A 77 -18.10 -11.80 -15.61
C VAL A 77 -18.01 -11.03 -16.93
N LEU A 78 -17.01 -11.34 -17.75
CA LEU A 78 -16.72 -10.65 -19.03
C LEU A 78 -17.16 -11.56 -20.19
N GLY A 79 -17.67 -10.95 -21.26
CA GLY A 79 -18.07 -11.65 -22.50
C GLY A 79 -17.88 -10.76 -23.71
N GLU A 80 -17.57 -11.36 -24.86
CA GLU A 80 -17.32 -10.65 -26.15
C GLU A 80 -18.53 -10.79 -27.09
N SER A 81 -19.51 -11.64 -26.73
CA SER A 81 -20.74 -11.89 -27.52
C SER A 81 -21.93 -12.11 -26.58
N VAL A 82 -23.15 -11.90 -27.06
CA VAL A 82 -24.41 -12.10 -26.30
C VAL A 82 -24.52 -13.57 -25.88
N GLU A 83 -24.28 -14.49 -26.82
CA GLU A 83 -24.35 -15.96 -26.61
C GLU A 83 -23.39 -16.35 -25.47
N ALA A 84 -22.12 -15.94 -25.58
CA ALA A 84 -21.06 -16.29 -24.61
C ALA A 84 -21.42 -15.75 -23.22
N LEU A 85 -21.72 -14.45 -23.11
CA LEU A 85 -21.96 -13.78 -21.81
C LEU A 85 -23.20 -14.38 -21.13
N THR A 86 -24.23 -14.74 -21.90
CA THR A 86 -25.46 -15.40 -21.37
C THR A 86 -25.09 -16.74 -20.71
N LYS A 87 -24.29 -17.56 -21.40
CA LYS A 87 -23.84 -18.90 -20.91
C LYS A 87 -22.98 -18.74 -19.66
N TYR A 88 -22.06 -17.78 -19.67
CA TYR A 88 -21.15 -17.47 -18.54
C TYR A 88 -21.99 -17.14 -17.30
N VAL A 89 -22.97 -16.25 -17.44
CA VAL A 89 -23.86 -15.81 -16.32
C VAL A 89 -24.67 -17.00 -15.80
N GLU A 90 -25.23 -17.82 -16.69
CA GLU A 90 -26.00 -19.04 -16.32
C GLU A 90 -25.10 -19.94 -15.46
N PHE A 91 -23.83 -20.10 -15.84
CA PHE A 91 -22.84 -20.94 -15.11
C PHE A 91 -22.56 -20.34 -13.73
N ILE A 92 -22.28 -19.04 -13.68
CA ILE A 92 -21.94 -18.31 -12.43
C ILE A 92 -23.11 -18.39 -11.44
N LEU A 93 -24.35 -18.23 -11.91
CA LEU A 93 -25.57 -18.28 -11.04
C LEU A 93 -25.64 -19.63 -10.34
N GLU A 94 -25.28 -20.72 -11.04
CA GLU A 94 -25.43 -22.12 -10.58
C GLU A 94 -24.25 -22.54 -9.68
N ASN A 95 -23.05 -21.99 -9.88
CA ASN A 95 -21.78 -22.56 -9.36
C ASN A 95 -21.13 -21.69 -8.28
N THR A 96 -21.76 -20.56 -7.92
CA THR A 96 -21.39 -19.74 -6.75
C THR A 96 -22.66 -19.07 -6.21
N THR A 97 -22.57 -18.44 -5.04
CA THR A 97 -23.67 -17.68 -4.41
C THR A 97 -23.38 -16.19 -4.52
N ALA A 98 -22.19 -15.82 -5.03
CA ALA A 98 -21.68 -14.44 -5.04
C ALA A 98 -22.47 -13.58 -6.01
N PRO A 99 -22.64 -12.26 -5.72
CA PRO A 99 -23.08 -11.31 -6.73
C PRO A 99 -22.02 -11.30 -7.83
N PHE A 100 -22.33 -10.71 -8.98
CA PHE A 100 -21.41 -10.65 -10.13
C PHE A 100 -21.68 -9.39 -10.96
N LEU A 101 -20.65 -8.89 -11.63
CA LEU A 101 -20.75 -7.78 -12.61
C LEU A 101 -21.07 -8.40 -13.97
N LEU A 102 -22.17 -7.97 -14.61
CA LEU A 102 -22.40 -8.22 -16.05
C LEU A 102 -21.50 -7.22 -16.81
N ASP A 103 -20.43 -7.72 -17.44
CA ASP A 103 -19.33 -6.87 -17.94
C ASP A 103 -19.06 -7.21 -19.42
N SER A 104 -18.83 -6.17 -20.22
CA SER A 104 -18.36 -6.27 -21.62
C SER A 104 -17.76 -4.93 -22.05
N ILE A 105 -16.79 -4.95 -22.96
CA ILE A 105 -16.28 -3.75 -23.67
C ILE A 105 -17.43 -3.15 -24.48
N SER A 106 -18.26 -4.02 -25.08
CA SER A 106 -19.35 -3.69 -26.01
C SER A 106 -20.68 -3.56 -25.26
N PRO A 107 -21.31 -2.36 -25.24
CA PRO A 107 -22.64 -2.19 -24.64
C PRO A 107 -23.70 -3.17 -25.18
N ASP A 108 -23.69 -3.44 -26.49
CA ASP A 108 -24.73 -4.27 -27.16
C ASP A 108 -24.64 -5.72 -26.64
N VAL A 109 -23.46 -6.16 -26.20
CA VAL A 109 -23.26 -7.51 -25.58
C VAL A 109 -23.97 -7.55 -24.22
N ARG A 110 -23.84 -6.50 -23.41
CA ARG A 110 -24.50 -6.38 -22.08
C ARG A 110 -26.02 -6.32 -22.29
N VAL A 111 -26.48 -5.47 -23.21
CA VAL A 111 -27.92 -5.27 -23.54
C VAL A 111 -28.54 -6.60 -23.99
N GLY A 112 -27.90 -7.29 -24.93
CA GLY A 112 -28.38 -8.58 -25.48
C GLY A 112 -28.47 -9.65 -24.41
N ALA A 113 -27.46 -9.71 -23.52
CA ALA A 113 -27.37 -10.69 -22.41
C ALA A 113 -28.55 -10.48 -21.44
N LEU A 114 -28.88 -9.23 -21.11
CA LEU A 114 -30.01 -8.88 -20.20
C LEU A 114 -31.34 -9.35 -20.81
N LYS A 115 -31.50 -9.25 -22.12
CA LYS A 115 -32.73 -9.69 -22.83
C LYS A 115 -32.92 -11.20 -22.59
N ASN A 116 -31.86 -11.98 -22.72
CA ASN A 116 -31.86 -13.46 -22.52
C ASN A 116 -32.14 -13.81 -21.06
N LEU A 117 -31.49 -13.11 -20.12
CA LEU A 117 -31.55 -13.42 -18.67
C LEU A 117 -32.93 -13.02 -18.12
N GLY A 118 -33.46 -11.87 -18.55
CA GLY A 118 -34.84 -11.43 -18.25
C GLY A 118 -34.97 -10.87 -16.84
N LYS A 119 -36.18 -10.49 -16.44
CA LYS A 119 -36.50 -9.91 -15.11
C LYS A 119 -36.66 -11.03 -14.08
N ASP A 120 -35.62 -11.87 -13.92
CA ASP A 120 -35.54 -12.97 -12.93
C ASP A 120 -35.21 -12.36 -11.57
N PRO A 121 -35.98 -12.66 -10.50
CA PRO A 121 -35.66 -12.15 -9.16
C PRO A 121 -34.21 -12.38 -8.71
N GLU A 122 -33.60 -13.50 -9.10
CA GLU A 122 -32.18 -13.80 -8.75
C GLU A 122 -31.25 -12.82 -9.49
N ILE A 123 -31.54 -12.51 -10.75
CA ILE A 123 -30.81 -11.49 -11.56
C ILE A 123 -30.88 -10.14 -10.83
N GLN A 124 -32.07 -9.71 -10.41
CA GLN A 124 -32.28 -8.42 -9.69
C GLN A 124 -31.40 -8.38 -8.44
N LYS A 125 -31.23 -9.52 -7.75
CA LYS A 125 -30.57 -9.59 -6.43
C LYS A 125 -29.05 -9.79 -6.57
N ARG A 126 -28.56 -10.38 -7.67
CA ARG A 126 -27.14 -10.81 -7.79
C ARG A 126 -26.42 -10.11 -8.94
N LEU A 127 -27.12 -9.69 -10.00
CA LEU A 127 -26.48 -9.06 -11.19
C LEU A 127 -26.29 -7.55 -10.94
N ILE A 128 -25.04 -7.10 -11.01
CA ILE A 128 -24.65 -5.65 -10.93
C ILE A 128 -24.22 -5.22 -12.34
N TYR A 129 -24.88 -4.20 -12.91
CA TYR A 129 -24.58 -3.70 -14.27
C TYR A 129 -23.23 -2.99 -14.28
N ASN A 130 -22.30 -3.42 -15.15
CA ASN A 130 -20.96 -2.79 -15.33
C ASN A 130 -20.82 -2.36 -16.80
N SER A 131 -21.11 -1.10 -17.11
CA SER A 131 -21.39 -0.05 -16.14
C SER A 131 -22.24 1.04 -16.81
N ILE A 132 -22.84 1.93 -16.01
CA ILE A 132 -23.44 3.19 -16.52
C ILE A 132 -22.31 4.22 -16.64
N GLU A 133 -22.07 4.67 -17.87
CA GLU A 133 -20.85 5.40 -18.30
C GLU A 133 -21.30 6.60 -19.16
N GLU A 134 -20.45 7.63 -19.23
CA GLU A 134 -20.63 8.90 -19.99
C GLU A 134 -21.54 8.70 -21.23
N HIS A 135 -21.27 7.68 -22.04
CA HIS A 135 -21.87 7.47 -23.39
C HIS A 135 -23.05 6.50 -23.32
N TYR A 136 -23.72 6.38 -22.16
CA TYR A 136 -24.94 5.54 -22.01
C TYR A 136 -25.96 5.93 -23.08
N THR A 137 -26.69 4.95 -23.59
CA THR A 137 -27.79 5.13 -24.58
C THR A 137 -29.13 4.86 -23.90
N GLU A 138 -30.23 5.29 -24.53
CA GLU A 138 -31.61 5.09 -24.03
C GLU A 138 -31.97 3.60 -24.07
N GLU A 139 -31.52 2.87 -25.10
CA GLU A 139 -31.79 1.41 -25.26
C GLU A 139 -31.07 0.63 -24.13
N GLU A 140 -29.92 1.12 -23.67
CA GLU A 140 -29.17 0.54 -22.52
C GLU A 140 -30.00 0.69 -21.24
N LEU A 141 -30.52 1.90 -20.97
CA LEU A 141 -31.33 2.20 -19.76
C LEU A 141 -32.64 1.40 -19.80
N ALA A 142 -33.24 1.24 -20.98
CA ALA A 142 -34.46 0.43 -21.20
C ALA A 142 -34.19 -1.04 -20.86
N ALA A 143 -33.03 -1.56 -21.29
CA ALA A 143 -32.61 -2.96 -21.08
C ALA A 143 -32.41 -3.21 -19.57
N ILE A 144 -31.77 -2.28 -18.88
CA ILE A 144 -31.53 -2.35 -17.40
C ILE A 144 -32.90 -2.36 -16.71
N LYS A 145 -33.80 -1.46 -17.09
CA LYS A 145 -35.15 -1.32 -16.46
C LYS A 145 -35.97 -2.59 -16.71
N GLU A 146 -35.95 -3.12 -17.93
CA GLU A 146 -36.75 -4.32 -18.32
C GLU A 146 -36.25 -5.55 -17.56
N ALA A 147 -34.96 -5.59 -17.20
CA ALA A 147 -34.32 -6.67 -16.41
C ALA A 147 -34.58 -6.45 -14.92
N GLY A 148 -35.00 -5.24 -14.53
CA GLY A 148 -35.36 -4.89 -13.14
C GLY A 148 -34.16 -4.84 -12.22
N LEU A 149 -32.97 -4.48 -12.74
CA LEU A 149 -31.71 -4.40 -11.95
C LEU A 149 -31.84 -3.26 -10.94
N LYS A 150 -31.16 -3.39 -9.80
CA LYS A 150 -31.27 -2.46 -8.64
C LYS A 150 -29.89 -1.91 -8.27
N THR A 151 -28.81 -2.58 -8.66
CA THR A 151 -27.42 -2.16 -8.39
C THR A 151 -26.65 -2.05 -9.71
N ALA A 152 -25.86 -0.99 -9.86
CA ALA A 152 -24.99 -0.75 -11.04
C ALA A 152 -23.66 -0.13 -10.58
N VAL A 153 -22.58 -0.44 -11.31
CA VAL A 153 -21.33 0.35 -11.26
C VAL A 153 -21.58 1.63 -12.06
N ILE A 154 -21.29 2.78 -11.46
CA ILE A 154 -21.30 4.11 -12.14
C ILE A 154 -19.84 4.43 -12.46
N LEU A 155 -19.44 4.28 -13.72
CA LEU A 155 -18.08 4.67 -14.18
C LEU A 155 -18.06 6.19 -14.28
N ALA A 156 -17.73 6.85 -13.16
CA ALA A 156 -17.68 8.32 -13.02
C ALA A 156 -16.35 8.82 -13.60
N PHE A 157 -16.13 8.49 -14.88
CA PHE A 157 -14.92 8.83 -15.65
C PHE A 157 -15.32 9.56 -16.93
N SER A 158 -14.65 10.67 -17.21
CA SER A 158 -14.73 11.38 -18.52
C SER A 158 -13.31 11.77 -18.92
N LYS A 159 -12.90 11.36 -20.13
CA LYS A 159 -11.53 11.60 -20.66
C LYS A 159 -11.35 13.11 -20.92
N LYS A 160 -12.31 13.92 -20.45
CA LYS A 160 -12.27 15.41 -20.45
C LYS A 160 -12.79 15.96 -19.12
N ALA A 161 -12.61 15.22 -18.02
CA ALA A 161 -12.95 15.64 -16.63
C ALA A 161 -12.05 14.91 -15.63
N LEU A 162 -10.74 15.09 -15.76
CA LEU A 162 -9.72 14.23 -15.11
C LEU A 162 -9.50 14.64 -13.65
N LYS A 163 -9.84 15.88 -13.26
CA LYS A 163 -9.74 16.36 -11.85
C LYS A 163 -10.76 15.62 -10.98
N PRO A 164 -10.37 15.20 -9.74
CA PRO A 164 -11.29 14.51 -8.83
C PRO A 164 -12.63 15.22 -8.56
N ASN A 165 -12.59 16.54 -8.31
CA ASN A 165 -13.78 17.37 -7.98
C ASN A 165 -14.83 17.29 -9.10
N ALA A 166 -14.39 17.05 -10.34
CA ALA A 166 -15.26 17.02 -11.56
C ALA A 166 -16.19 15.80 -11.53
N ARG A 167 -15.96 14.83 -10.66
CA ARG A 167 -16.86 13.65 -10.49
C ARG A 167 -18.21 14.12 -9.93
N ILE A 168 -18.23 15.19 -9.13
CA ILE A 168 -19.48 15.82 -8.63
C ILE A 168 -20.35 16.16 -9.85
N ASP A 169 -19.76 16.74 -10.89
CA ASP A 169 -20.43 17.15 -12.15
C ASP A 169 -20.94 15.91 -12.89
N LEU A 170 -20.09 14.90 -13.07
CA LEU A 170 -20.44 13.64 -13.80
C LEU A 170 -21.63 12.95 -13.11
N LEU A 171 -21.61 12.85 -11.78
CA LEU A 171 -22.64 12.13 -10.98
C LEU A 171 -23.93 12.94 -10.91
N GLN A 172 -23.85 14.23 -10.56
CA GLN A 172 -25.04 15.09 -10.27
C GLN A 172 -25.57 15.71 -11.58
N GLY A 173 -24.72 15.82 -12.60
CA GLY A 173 -25.06 16.51 -13.86
C GLY A 173 -24.59 17.95 -13.82
N LYS A 174 -24.62 18.64 -14.96
CA LYS A 174 -24.12 20.03 -15.10
C LYS A 174 -24.62 20.60 -16.43
N ASP A 175 -25.01 21.88 -16.44
CA ASP A 175 -25.54 22.58 -17.63
C ASP A 175 -26.72 21.76 -18.18
N ASP A 176 -26.63 21.28 -19.41
CA ASP A 176 -27.73 20.55 -20.12
C ASP A 176 -27.48 19.04 -20.07
N LYS A 177 -26.46 18.59 -19.33
CA LYS A 177 -26.06 17.15 -19.25
C LYS A 177 -26.67 16.53 -17.98
N GLU A 178 -27.53 15.53 -18.17
CA GLU A 178 -28.08 14.66 -17.11
C GLU A 178 -26.92 13.97 -16.38
N GLY A 179 -26.95 13.96 -15.04
CA GLY A 179 -25.96 13.24 -14.22
C GLY A 179 -26.10 11.74 -14.40
N LEU A 180 -25.03 10.98 -14.10
CA LEU A 180 -25.02 9.51 -14.24
C LEU A 180 -25.95 8.88 -13.20
N ILE A 181 -26.09 9.50 -12.02
CA ILE A 181 -26.99 9.00 -10.93
C ILE A 181 -28.45 9.11 -11.42
N ALA A 182 -28.83 10.28 -11.94
CA ALA A 182 -30.16 10.57 -12.51
C ALA A 182 -30.48 9.56 -13.62
N ALA A 183 -29.53 9.34 -14.54
CA ALA A 183 -29.63 8.36 -15.65
C ALA A 183 -29.88 6.96 -15.07
N ALA A 184 -29.09 6.55 -14.08
CA ALA A 184 -29.20 5.24 -13.39
C ALA A 184 -30.58 5.11 -12.74
N LYS A 185 -31.06 6.16 -12.06
CA LYS A 185 -32.36 6.17 -11.35
C LYS A 185 -33.51 6.03 -12.36
N ARG A 186 -33.39 6.62 -13.56
CA ARG A 186 -34.40 6.49 -14.65
C ARG A 186 -34.52 5.02 -15.08
N ALA A 187 -33.43 4.25 -14.98
CA ALA A 187 -33.36 2.81 -15.33
C ALA A 187 -33.78 1.96 -14.13
N GLY A 188 -34.13 2.59 -13.00
CA GLY A 188 -34.66 1.92 -11.79
C GLY A 188 -33.58 1.50 -10.81
N ILE A 189 -32.31 1.89 -11.06
CA ILE A 189 -31.16 1.56 -10.15
C ILE A 189 -31.35 2.33 -8.85
N GLU A 190 -31.16 1.66 -7.70
CA GLU A 190 -31.33 2.23 -6.34
C GLU A 190 -29.98 2.23 -5.59
N GLN A 191 -28.99 1.45 -6.04
CA GLN A 191 -27.67 1.29 -5.36
C GLN A 191 -26.55 1.55 -6.38
N PHE A 192 -25.64 2.45 -6.03
CA PHE A 192 -24.61 3.02 -6.94
C PHE A 192 -23.23 2.72 -6.38
N LEU A 193 -22.49 1.82 -7.05
CA LEU A 193 -21.05 1.57 -6.80
C LEU A 193 -20.24 2.47 -7.73
N VAL A 194 -19.56 3.48 -7.18
CA VAL A 194 -18.90 4.53 -8.00
C VAL A 194 -17.45 4.12 -8.26
N ASP A 195 -17.11 3.98 -9.54
CA ASP A 195 -15.74 3.69 -10.06
C ASP A 195 -15.28 4.92 -10.85
N PRO A 196 -14.43 5.81 -10.30
CA PRO A 196 -13.97 6.99 -11.03
C PRO A 196 -13.03 6.70 -12.22
N GLY A 197 -12.63 5.44 -12.42
CA GLY A 197 -11.84 4.99 -13.59
C GLY A 197 -10.35 5.20 -13.40
N VAL A 198 -9.53 4.34 -14.01
CA VAL A 198 -8.04 4.36 -13.96
C VAL A 198 -7.50 4.42 -15.39
N LEU A 199 -6.62 5.36 -15.69
CA LEU A 199 -5.98 5.52 -17.03
C LEU A 199 -4.70 4.68 -17.08
N ASP A 200 -3.83 4.85 -16.08
CA ASP A 200 -2.54 4.14 -15.95
C ASP A 200 -2.20 4.04 -14.45
N VAL A 201 -1.11 3.36 -14.10
CA VAL A 201 -0.77 3.03 -12.68
C VAL A 201 -0.67 4.33 -11.87
N ALA A 202 0.09 5.31 -12.34
CA ALA A 202 0.36 6.58 -11.62
C ALA A 202 -0.95 7.31 -11.30
N SER A 203 -1.90 7.33 -12.24
CA SER A 203 -3.18 8.09 -12.16
C SER A 203 -4.12 7.45 -11.14
N ASN A 204 -3.77 6.28 -10.61
CA ASN A 204 -4.51 5.57 -9.54
C ASN A 204 -4.67 6.51 -8.32
N SER A 205 -3.73 7.43 -8.10
CA SER A 205 -3.80 8.42 -6.98
C SER A 205 -4.92 9.44 -7.23
N TRP A 206 -5.16 9.83 -8.48
CA TRP A 206 -6.28 10.74 -8.87
C TRP A 206 -7.62 10.00 -8.75
N THR A 207 -7.64 8.73 -9.14
CA THR A 207 -8.81 7.83 -8.97
C THR A 207 -9.21 7.79 -7.49
N THR A 208 -8.24 7.63 -6.58
CA THR A 208 -8.50 7.45 -5.12
C THR A 208 -8.94 8.80 -4.52
N GLU A 209 -8.37 9.91 -5.01
CA GLU A 209 -8.80 11.28 -4.61
C GLU A 209 -10.26 11.48 -5.02
N ALA A 210 -10.65 11.01 -6.22
CA ALA A 210 -12.04 11.06 -6.71
C ALA A 210 -12.94 10.22 -5.79
N ILE A 211 -12.49 9.04 -5.37
CA ILE A 211 -13.23 8.15 -4.43
C ILE A 211 -13.50 8.90 -3.12
N ASN A 212 -12.48 9.59 -2.59
CA ASN A 212 -12.58 10.38 -1.33
C ASN A 212 -13.64 11.48 -1.48
N VAL A 213 -13.62 12.22 -2.60
CA VAL A 213 -14.60 13.30 -2.89
C VAL A 213 -16.02 12.71 -2.86
N VAL A 214 -16.23 11.57 -3.53
CA VAL A 214 -17.57 10.93 -3.66
C VAL A 214 -18.06 10.47 -2.27
N LYS A 215 -17.20 9.84 -1.47
CA LYS A 215 -17.56 9.34 -0.11
C LYS A 215 -17.78 10.54 0.82
N GLU A 216 -16.93 11.56 0.75
CA GLU A 216 -16.98 12.76 1.63
C GLU A 216 -18.31 13.50 1.43
N GLN A 217 -18.79 13.62 0.18
CA GLN A 217 -19.92 14.52 -0.17
C GLN A 217 -21.22 13.75 -0.40
N PHE A 218 -21.17 12.50 -0.88
CA PHE A 218 -22.37 11.71 -1.25
C PHE A 218 -22.50 10.42 -0.44
N GLY A 219 -21.38 9.82 -0.01
CA GLY A 219 -21.35 8.61 0.82
C GLY A 219 -21.60 7.34 0.01
N TYR A 220 -21.57 7.40 -1.32
CA TYR A 220 -21.64 6.21 -2.20
C TYR A 220 -20.38 5.37 -2.02
N PRO A 221 -20.48 4.02 -2.00
CA PRO A 221 -19.29 3.18 -1.99
C PRO A 221 -18.42 3.49 -3.22
N GLY A 222 -17.11 3.61 -3.01
CA GLY A 222 -16.14 3.96 -4.06
C GLY A 222 -15.10 2.88 -4.21
N GLY A 223 -14.72 2.59 -5.45
CA GLY A 223 -13.68 1.59 -5.79
C GLY A 223 -13.11 1.88 -7.16
N CYS A 224 -12.20 1.05 -7.64
CA CYS A 224 -11.58 1.22 -8.97
C CYS A 224 -11.05 -0.13 -9.49
N ALA A 225 -10.57 -0.11 -10.74
CA ALA A 225 -10.19 -1.30 -11.54
C ALA A 225 -8.80 -1.05 -12.14
N PRO A 226 -7.72 -1.11 -11.32
CA PRO A 226 -6.37 -0.80 -11.78
C PRO A 226 -5.64 -1.91 -12.56
N SER A 227 -6.27 -3.07 -12.77
CA SER A 227 -5.62 -4.30 -13.31
C SER A 227 -5.10 -4.06 -14.75
N ASN A 228 -5.92 -3.45 -15.62
CA ASN A 228 -5.52 -3.17 -17.04
C ASN A 228 -4.21 -2.37 -17.05
N ALA A 229 -4.12 -1.34 -16.21
CA ALA A 229 -2.96 -0.42 -16.11
C ALA A 229 -1.71 -1.22 -15.72
N VAL A 230 -1.86 -2.17 -14.78
CA VAL A 230 -0.74 -3.02 -14.26
C VAL A 230 -0.29 -3.99 -15.37
N TYR A 231 -1.23 -4.58 -16.11
CA TYR A 231 -0.95 -5.62 -17.15
C TYR A 231 -0.31 -4.98 -18.38
N LEU A 232 -0.52 -3.68 -18.61
CA LEU A 232 0.14 -2.91 -19.69
C LEU A 232 1.53 -2.43 -19.23
N TRP A 233 1.88 -2.68 -17.97
CA TRP A 233 3.20 -2.37 -17.38
C TRP A 233 4.16 -3.54 -17.66
N LYS A 234 4.57 -3.70 -18.92
CA LYS A 234 5.35 -4.87 -19.41
C LYS A 234 6.70 -4.94 -18.69
N LYS A 235 7.29 -3.79 -18.35
CA LYS A 235 8.58 -3.68 -17.60
C LYS A 235 8.50 -4.46 -16.28
N MET A 236 7.33 -4.47 -15.62
CA MET A 236 7.11 -5.20 -14.34
C MET A 236 6.69 -6.65 -14.61
N ARG A 237 5.74 -6.86 -15.53
CA ARG A 237 5.09 -8.19 -15.71
C ARG A 237 6.12 -9.23 -16.16
N SER A 238 7.07 -8.84 -17.00
CA SER A 238 8.11 -9.74 -17.56
C SER A 238 9.19 -10.08 -16.51
N LYS A 239 9.23 -9.36 -15.38
CA LYS A 239 10.22 -9.62 -14.29
C LYS A 239 9.88 -10.91 -13.54
N GLY A 240 8.62 -11.37 -13.60
CA GLY A 240 8.16 -12.60 -12.95
C GLY A 240 8.02 -12.45 -11.45
N THR A 241 8.02 -13.57 -10.73
CA THR A 241 7.72 -13.68 -9.27
C THR A 241 8.99 -13.39 -8.48
N PRO A 242 8.94 -12.65 -7.34
CA PRO A 242 7.70 -12.04 -6.82
C PRO A 242 7.47 -10.56 -7.20
N PHE A 243 8.19 -10.07 -8.22
CA PHE A 243 8.30 -8.64 -8.59
C PHE A 243 6.96 -8.12 -9.13
N PHE A 244 6.31 -8.90 -10.00
CA PHE A 244 4.99 -8.53 -10.58
C PHE A 244 3.95 -8.47 -9.45
N GLU A 245 3.99 -9.42 -8.52
CA GLU A 245 3.00 -9.59 -7.43
C GLU A 245 3.09 -8.42 -6.44
N VAL A 246 4.30 -8.04 -6.00
CA VAL A 246 4.47 -6.95 -4.99
C VAL A 246 4.14 -5.59 -5.64
N ALA A 247 4.48 -5.40 -6.92
CA ALA A 247 4.13 -4.18 -7.70
C ALA A 247 2.60 -4.10 -7.81
N GLY A 248 1.95 -5.19 -8.21
CA GLY A 248 0.48 -5.30 -8.27
C GLY A 248 -0.15 -5.00 -6.92
N ALA A 249 0.43 -5.58 -5.86
CA ALA A 249 -0.02 -5.41 -4.45
C ALA A 249 0.02 -3.92 -4.06
N ALA A 250 1.10 -3.21 -4.42
CA ALA A 250 1.26 -1.76 -4.14
C ALA A 250 0.14 -0.98 -4.83
N VAL A 251 -0.16 -1.32 -6.09
CA VAL A 251 -1.22 -0.62 -6.90
C VAL A 251 -2.60 -0.94 -6.33
N PHE A 252 -2.88 -2.21 -6.03
CA PHE A 252 -4.23 -2.69 -5.60
C PHE A 252 -4.55 -2.24 -4.17
N THR A 253 -3.55 -2.16 -3.28
CA THR A 253 -3.75 -1.78 -1.86
C THR A 253 -3.90 -0.27 -1.72
N TYR A 254 -3.31 0.52 -2.64
CA TYR A 254 -3.20 2.00 -2.48
C TYR A 254 -4.57 2.63 -2.25
N PRO A 255 -5.60 2.36 -3.10
CA PRO A 255 -6.91 2.97 -2.89
C PRO A 255 -7.52 2.63 -1.53
N ILE A 256 -7.26 1.42 -1.02
CA ILE A 256 -7.78 0.93 0.29
C ILE A 256 -7.15 1.77 1.41
N THR A 257 -5.88 2.17 1.26
CA THR A 257 -5.14 3.00 2.25
C THR A 257 -5.76 4.40 2.34
N GLN A 258 -6.51 4.84 1.32
CA GLN A 258 -7.15 6.18 1.26
C GLN A 258 -8.67 6.06 1.45
N GLY A 259 -9.18 4.87 1.75
CA GLY A 259 -10.56 4.64 2.24
C GLY A 259 -11.51 4.06 1.19
N ALA A 260 -11.00 3.50 0.09
CA ALA A 260 -11.82 2.85 -0.95
C ALA A 260 -12.46 1.57 -0.40
N ASP A 261 -13.58 1.13 -1.00
CA ASP A 261 -14.49 0.08 -0.48
C ASP A 261 -14.37 -1.21 -1.30
N PHE A 262 -14.00 -1.12 -2.58
CA PHE A 262 -13.86 -2.33 -3.46
C PHE A 262 -12.73 -2.11 -4.46
N ILE A 263 -12.16 -3.23 -4.92
CA ILE A 263 -11.10 -3.28 -5.97
C ILE A 263 -11.49 -4.37 -6.98
N LEU A 264 -11.50 -4.03 -8.26
CA LEU A 264 -11.46 -5.02 -9.37
C LEU A 264 -9.97 -5.30 -9.62
N TYR A 265 -9.50 -6.47 -9.21
CA TYR A 265 -8.05 -6.81 -9.12
C TYR A 265 -7.60 -7.55 -10.38
N GLY A 266 -8.50 -7.77 -11.34
CA GLY A 266 -8.21 -8.42 -12.63
C GLY A 266 -8.39 -9.93 -12.56
N PRO A 267 -7.67 -10.71 -13.40
CA PRO A 267 -7.83 -12.16 -13.48
C PRO A 267 -7.86 -12.86 -12.11
N MET A 268 -8.84 -13.76 -11.92
CA MET A 268 -9.08 -14.50 -10.66
C MET A 268 -7.86 -15.36 -10.29
N MET A 269 -7.05 -15.77 -11.26
CA MET A 269 -5.83 -16.58 -11.02
C MET A 269 -4.88 -15.87 -10.04
N ASN A 270 -4.98 -14.54 -9.90
CA ASN A 270 -4.11 -13.72 -9.02
C ASN A 270 -4.68 -13.64 -7.59
N ALA A 271 -5.90 -14.17 -7.36
CA ALA A 271 -6.62 -14.08 -6.07
C ALA A 271 -5.74 -14.53 -4.90
N PRO A 272 -4.98 -15.64 -5.00
CA PRO A 272 -4.15 -16.10 -3.88
C PRO A 272 -3.22 -15.03 -3.27
N TRP A 273 -2.59 -14.17 -4.07
CA TRP A 273 -1.67 -13.13 -3.55
C TRP A 273 -2.41 -11.81 -3.33
N VAL A 274 -3.49 -11.53 -4.09
CA VAL A 274 -4.28 -10.28 -3.94
C VAL A 274 -4.98 -10.29 -2.56
N TYR A 275 -5.64 -11.39 -2.20
CA TYR A 275 -6.38 -11.54 -0.92
C TYR A 275 -5.43 -11.32 0.25
N ARG A 276 -4.22 -11.89 0.18
CA ARG A 276 -3.21 -11.85 1.27
C ARG A 276 -2.73 -10.40 1.44
N ALA A 277 -2.47 -9.69 0.34
CA ALA A 277 -2.02 -8.28 0.34
C ALA A 277 -3.14 -7.36 0.87
N ILE A 278 -4.33 -7.43 0.27
CA ILE A 278 -5.49 -6.56 0.61
C ILE A 278 -5.91 -6.80 2.07
N ALA A 279 -5.95 -8.06 2.52
CA ALA A 279 -6.32 -8.43 3.90
C ALA A 279 -5.35 -7.75 4.88
N THR A 280 -4.07 -7.68 4.53
CA THR A 280 -3.00 -7.06 5.35
C THR A 280 -3.30 -5.56 5.53
N THR A 281 -3.63 -4.88 4.44
CA THR A 281 -3.98 -3.42 4.44
C THR A 281 -5.25 -3.21 5.28
N ASP A 282 -6.29 -4.02 5.06
CA ASP A 282 -7.59 -3.96 5.79
C ASP A 282 -7.34 -4.06 7.30
N ALA A 283 -6.47 -4.99 7.72
CA ALA A 283 -6.16 -5.28 9.14
C ALA A 283 -5.54 -4.03 9.80
N MET A 284 -4.53 -3.43 9.15
CA MET A 284 -3.82 -2.24 9.68
C MET A 284 -4.80 -1.05 9.78
N ILE A 285 -5.65 -0.86 8.77
CA ILE A 285 -6.66 0.24 8.74
C ILE A 285 -7.64 0.06 9.90
N ALA A 286 -8.15 -1.14 10.12
CA ALA A 286 -9.15 -1.47 11.17
C ALA A 286 -8.54 -1.27 12.56
N TYR A 287 -7.26 -1.61 12.73
CA TYR A 287 -6.54 -1.48 14.02
C TYR A 287 -6.49 0.01 14.43
N ASN A 288 -6.58 0.90 13.43
CA ASN A 288 -6.65 2.38 13.62
C ASN A 288 -7.99 2.78 14.24
N ASN A 289 -9.04 1.96 14.05
CA ASN A 289 -10.40 2.14 14.64
C ASN A 289 -10.29 2.28 16.17
N LYS A 290 -9.34 1.58 16.79
CA LYS A 290 -9.10 1.56 18.25
C LYS A 290 -8.78 2.98 18.75
N LEU A 291 -8.26 3.86 17.88
CA LEU A 291 -7.93 5.27 18.19
C LEU A 291 -9.12 6.18 17.82
N THR A 292 -9.84 5.89 16.73
CA THR A 292 -10.91 6.76 16.17
C THR A 292 -12.26 6.45 16.83
N GLY A 293 -12.46 5.24 17.34
CA GLY A 293 -13.73 4.79 17.93
C GLY A 293 -14.73 4.35 16.87
N VAL A 294 -14.34 4.30 15.59
CA VAL A 294 -15.11 3.63 14.50
C VAL A 294 -15.25 2.16 14.91
N LYS A 295 -16.46 1.61 14.85
CA LYS A 295 -16.75 0.20 15.22
C LYS A 295 -16.83 -0.65 13.95
N MET A 296 -16.21 -1.82 13.96
CA MET A 296 -16.32 -2.83 12.88
C MET A 296 -17.78 -3.25 12.74
N GLY A 297 -18.28 -3.31 11.50
CA GLY A 297 -19.68 -3.67 11.19
C GLY A 297 -19.88 -5.18 11.16
N THR A 298 -18.79 -5.96 11.26
CA THR A 298 -18.79 -7.44 11.18
C THR A 298 -17.55 -7.99 11.91
N THR A 299 -17.65 -9.20 12.45
CA THR A 299 -16.52 -9.96 13.06
C THR A 299 -15.76 -10.73 11.98
N GLU A 300 -16.37 -10.91 10.80
CA GLU A 300 -15.73 -11.50 9.60
C GLU A 300 -14.85 -10.43 8.93
N HIS A 301 -13.71 -10.13 9.55
CA HIS A 301 -12.78 -9.04 9.15
C HIS A 301 -11.33 -9.53 9.24
N PRO A 302 -10.47 -9.20 8.24
CA PRO A 302 -9.05 -9.57 8.26
C PRO A 302 -8.31 -9.36 9.59
N LEU A 303 -8.56 -8.25 10.29
CA LEU A 303 -7.91 -7.94 11.59
C LEU A 303 -8.09 -9.11 12.57
N LEU A 304 -9.24 -9.77 12.53
CA LEU A 304 -9.62 -10.82 13.52
C LEU A 304 -9.31 -12.22 12.99
N LYS A 305 -8.73 -12.34 11.79
CA LYS A 305 -8.63 -13.63 11.07
C LYS A 305 -7.21 -13.98 10.64
N ILE A 306 -6.40 -13.00 10.17
CA ILE A 306 -5.14 -13.31 9.40
C ILE A 306 -3.93 -13.47 10.34
N PHE A 307 -4.04 -13.13 11.63
CA PHE A 307 -2.92 -13.18 12.60
C PHE A 307 -3.06 -14.43 13.47
N LYS B 4 -1.04 16.45 2.83
CA LYS B 4 -0.02 17.53 2.98
C LYS B 4 0.05 17.92 4.46
N PHE B 5 1.26 17.99 5.01
CA PHE B 5 1.52 18.18 6.46
C PHE B 5 1.56 19.67 6.79
N THR B 6 1.10 20.00 7.99
CA THR B 6 0.87 21.36 8.53
C THR B 6 2.21 22.09 8.68
N ALA B 7 3.17 21.50 9.40
CA ALA B 7 4.48 22.11 9.72
C ALA B 7 5.31 22.21 8.44
N GLN B 8 6.17 23.23 8.35
CA GLN B 8 7.24 23.29 7.31
C GLN B 8 8.14 22.07 7.55
N GLN B 9 8.32 21.24 6.52
CA GLN B 9 9.06 19.96 6.64
C GLN B 9 10.56 20.25 6.61
N HIS B 10 11.32 19.59 7.47
CA HIS B 10 12.81 19.53 7.42
C HIS B 10 13.20 18.51 6.36
N VAL B 11 13.98 18.94 5.36
CA VAL B 11 14.62 18.04 4.36
C VAL B 11 16.13 18.05 4.65
N TYR B 12 16.67 16.91 5.07
CA TYR B 12 18.12 16.73 5.37
C TYR B 12 18.82 16.25 4.11
N ASP B 13 20.05 16.73 3.90
CA ASP B 13 20.98 16.24 2.86
C ASP B 13 22.09 15.47 3.59
N ILE B 14 21.93 14.15 3.70
CA ILE B 14 22.89 13.25 4.42
C ILE B 14 23.83 12.66 3.37
N ASN B 15 24.96 13.34 3.12
CA ASN B 15 26.01 12.93 2.16
C ASN B 15 25.36 12.62 0.80
N GLY B 16 24.46 13.50 0.35
CA GLY B 16 23.83 13.44 -0.98
C GLY B 16 22.43 12.84 -0.96
N VAL B 17 22.05 12.12 0.12
CA VAL B 17 20.71 11.48 0.26
C VAL B 17 19.75 12.51 0.86
N LYS B 18 18.73 12.91 0.09
CA LYS B 18 17.62 13.77 0.56
C LYS B 18 16.62 12.91 1.33
N VAL B 19 16.25 13.30 2.56
CA VAL B 19 15.20 12.59 3.35
C VAL B 19 14.29 13.62 4.01
N GLY B 20 12.97 13.40 3.90
CA GLY B 20 11.94 14.29 4.48
C GLY B 20 11.17 15.02 3.39
N GLY B 21 10.46 16.08 3.78
CA GLY B 21 9.66 16.93 2.89
C GLY B 21 8.21 16.49 2.87
N GLN B 22 7.41 17.15 2.02
CA GLN B 22 5.96 16.84 1.85
C GLN B 22 5.85 15.58 0.99
N PRO B 23 4.73 14.83 1.09
CA PRO B 23 4.52 13.64 0.27
C PRO B 23 4.63 13.97 -1.23
N GLY B 24 5.50 13.26 -1.95
CA GLY B 24 5.71 13.40 -3.40
C GLY B 24 6.86 14.34 -3.73
N GLU B 25 7.42 15.03 -2.72
CA GLU B 25 8.56 15.97 -2.88
C GLU B 25 9.81 15.16 -3.18
N TYR B 26 10.12 14.15 -2.35
CA TYR B 26 11.32 13.29 -2.47
C TYR B 26 10.90 11.83 -2.41
N PRO B 27 11.58 10.93 -3.15
CA PRO B 27 11.27 9.50 -3.09
C PRO B 27 11.63 8.95 -1.72
N THR B 28 10.97 7.86 -1.32
CA THR B 28 11.24 7.10 -0.07
C THR B 28 12.72 6.70 -0.05
N VAL B 29 13.39 6.96 1.07
CA VAL B 29 14.75 6.43 1.36
C VAL B 29 14.58 5.00 1.89
N LEU B 30 15.26 4.03 1.27
CA LEU B 30 15.17 2.59 1.64
C LEU B 30 16.45 2.19 2.37
N ILE B 31 16.28 1.55 3.53
CA ILE B 31 17.39 1.24 4.48
C ILE B 31 17.42 -0.27 4.69
N GLY B 32 18.39 -0.95 4.06
CA GLY B 32 18.56 -2.42 4.13
C GLY B 32 19.52 -2.81 5.23
N SER B 33 19.26 -3.93 5.90
CA SER B 33 20.06 -4.45 7.04
C SER B 33 21.12 -5.44 6.53
N ILE B 34 22.35 -5.31 7.05
CA ILE B 34 23.51 -6.17 6.72
C ILE B 34 24.22 -6.54 8.04
N PHE B 35 24.68 -7.80 8.14
CA PHE B 35 25.38 -8.37 9.32
C PHE B 35 24.42 -8.50 10.51
N TYR B 36 23.12 -8.57 10.25
CA TYR B 36 22.05 -8.87 11.25
C TYR B 36 22.27 -10.27 11.81
N ARG B 37 21.64 -10.58 12.95
CA ARG B 37 21.73 -11.91 13.61
C ARG B 37 21.29 -12.98 12.60
N GLY B 38 22.15 -13.96 12.33
CA GLY B 38 21.87 -15.09 11.43
C GLY B 38 22.13 -14.76 9.97
N HIS B 39 22.71 -13.59 9.65
CA HIS B 39 23.12 -13.26 8.27
C HIS B 39 24.24 -14.22 7.86
N LYS B 40 23.97 -15.08 6.88
CA LYS B 40 24.80 -16.30 6.60
C LYS B 40 26.12 -15.93 5.92
N ILE B 41 26.31 -14.67 5.50
CA ILE B 41 27.60 -14.20 4.90
C ILE B 41 28.61 -13.94 6.03
N VAL B 42 28.13 -13.86 7.29
CA VAL B 42 28.96 -13.74 8.53
C VAL B 42 29.31 -15.14 9.03
N SER B 43 30.61 -15.46 9.11
CA SER B 43 31.13 -16.75 9.64
C SER B 43 31.40 -16.64 11.14
N ASP B 44 31.68 -15.43 11.65
CA ASP B 44 31.97 -15.17 13.09
C ASP B 44 31.46 -13.77 13.46
N GLY B 45 30.30 -13.70 14.12
CA GLY B 45 29.62 -12.44 14.49
C GLY B 45 30.31 -11.74 15.66
N GLN B 46 31.10 -12.46 16.46
CA GLN B 46 31.82 -11.90 17.62
C GLN B 46 33.09 -11.17 17.14
N LYS B 47 33.79 -11.73 16.15
CA LYS B 47 35.04 -11.14 15.61
C LYS B 47 34.73 -10.26 14.38
N GLY B 48 33.55 -10.42 13.78
CA GLY B 48 33.13 -9.67 12.58
C GLY B 48 33.85 -10.17 11.34
N ILE B 49 33.91 -11.49 11.17
CA ILE B 49 34.48 -12.17 9.98
C ILE B 49 33.33 -12.55 9.06
N PHE B 50 33.39 -12.09 7.81
CA PHE B 50 32.29 -12.22 6.82
C PHE B 50 32.87 -12.32 5.41
N ASP B 51 32.08 -12.84 4.48
CA ASP B 51 32.41 -12.91 3.02
C ASP B 51 32.31 -11.49 2.44
N LYS B 52 33.46 -10.87 2.16
CA LYS B 52 33.54 -9.46 1.68
C LYS B 52 32.98 -9.36 0.27
N ASP B 53 33.16 -10.40 -0.56
CA ASP B 53 32.63 -10.44 -1.95
C ASP B 53 31.10 -10.48 -1.91
N ALA B 54 30.50 -11.29 -1.03
CA ALA B 54 29.03 -11.41 -0.86
C ALA B 54 28.45 -10.08 -0.34
N ALA B 55 29.12 -9.45 0.63
CA ALA B 55 28.74 -8.13 1.19
C ALA B 55 28.80 -7.07 0.08
N LYS B 56 29.87 -7.07 -0.70
CA LYS B 56 30.07 -6.11 -1.82
C LYS B 56 28.96 -6.31 -2.86
N ALA B 57 28.57 -7.56 -3.11
CA ALA B 57 27.51 -7.93 -4.08
C ALA B 57 26.17 -7.34 -3.64
N LEU B 58 25.85 -7.42 -2.34
CA LEU B 58 24.63 -6.80 -1.75
C LEU B 58 24.68 -5.29 -1.94
N LEU B 59 25.82 -4.65 -1.66
CA LEU B 59 26.00 -3.17 -1.78
C LEU B 59 25.85 -2.75 -3.25
N ASP B 60 26.41 -3.53 -4.19
CA ASP B 60 26.34 -3.26 -5.65
C ASP B 60 24.88 -3.41 -6.12
N GLN B 61 24.18 -4.44 -5.65
CA GLN B 61 22.76 -4.70 -5.96
C GLN B 61 21.91 -3.51 -5.49
N GLU B 62 22.21 -2.95 -4.31
CA GLU B 62 21.49 -1.80 -3.73
C GLU B 62 21.66 -0.59 -4.65
N ALA B 63 22.89 -0.33 -5.10
CA ALA B 63 23.27 0.79 -5.99
C ALA B 63 22.54 0.65 -7.34
N GLU B 64 22.46 -0.57 -7.88
CA GLU B 64 21.80 -0.88 -9.17
C GLU B 64 20.28 -0.64 -9.03
N LEU B 65 19.66 -1.18 -7.98
CA LEU B 65 18.20 -1.03 -7.71
C LEU B 65 17.87 0.46 -7.51
N SER B 66 18.71 1.18 -6.77
CA SER B 66 18.56 2.63 -6.49
C SER B 66 18.59 3.42 -7.79
N ALA B 67 19.53 3.10 -8.69
CA ALA B 67 19.71 3.73 -10.02
C ALA B 67 18.49 3.46 -10.90
N GLU B 68 17.85 2.29 -10.73
CA GLU B 68 16.69 1.85 -11.55
C GLU B 68 15.42 2.62 -11.15
N THR B 69 15.15 2.78 -9.85
CA THR B 69 13.89 3.36 -9.31
C THR B 69 14.07 4.83 -8.92
N GLY B 70 15.28 5.23 -8.49
CA GLY B 70 15.54 6.58 -7.96
C GLY B 70 15.31 6.68 -6.46
N ASN B 71 15.02 5.56 -5.79
CA ASN B 71 14.94 5.48 -4.30
C ASN B 71 16.37 5.48 -3.75
N PRO B 72 16.79 6.53 -2.99
CA PRO B 72 18.12 6.53 -2.40
C PRO B 72 18.18 5.46 -1.30
N PHE B 73 19.40 5.09 -0.88
CA PHE B 73 19.60 4.05 0.15
C PHE B 73 20.58 4.54 1.22
N ILE B 74 20.27 4.16 2.46
CA ILE B 74 21.17 4.21 3.64
C ILE B 74 21.31 2.76 4.14
N ILE B 75 22.52 2.31 4.43
CA ILE B 75 22.79 0.92 4.89
C ILE B 75 22.59 0.84 6.40
N ASP B 76 21.78 -0.12 6.87
CA ASP B 76 21.62 -0.42 8.33
C ASP B 76 22.69 -1.45 8.72
N VAL B 77 23.76 -0.99 9.36
CA VAL B 77 24.93 -1.83 9.74
C VAL B 77 24.74 -2.32 11.18
N LEU B 78 24.49 -3.62 11.34
CA LEU B 78 24.21 -4.26 12.64
C LEU B 78 25.46 -4.99 13.13
N GLY B 79 25.70 -4.99 14.45
CA GLY B 79 26.79 -5.72 15.10
C GLY B 79 26.39 -6.14 16.51
N GLU B 80 26.90 -7.29 16.98
CA GLU B 80 26.63 -7.87 18.31
C GLU B 80 27.84 -7.65 19.24
N SER B 81 28.96 -7.15 18.70
CA SER B 81 30.21 -6.87 19.45
C SER B 81 30.87 -5.59 18.94
N VAL B 82 31.65 -4.93 19.79
CA VAL B 82 32.43 -3.69 19.44
C VAL B 82 33.41 -4.06 18.31
N GLU B 83 34.14 -5.16 18.46
CA GLU B 83 35.14 -5.65 17.47
C GLU B 83 34.45 -5.78 16.11
N ALA B 84 33.32 -6.48 16.05
CA ALA B 84 32.57 -6.78 14.80
C ALA B 84 32.05 -5.49 14.17
N LEU B 85 31.30 -4.68 14.93
CA LEU B 85 30.62 -3.46 14.40
C LEU B 85 31.67 -2.48 13.86
N THR B 86 32.82 -2.34 14.53
CA THR B 86 33.95 -1.47 14.09
C THR B 86 34.43 -1.92 12.70
N LYS B 87 34.64 -3.22 12.50
CA LYS B 87 35.12 -3.80 11.23
C LYS B 87 34.06 -3.62 10.13
N TYR B 88 32.78 -3.83 10.47
CA TYR B 88 31.64 -3.66 9.53
C TYR B 88 31.60 -2.22 9.02
N VAL B 89 31.73 -1.24 9.93
CA VAL B 89 31.70 0.21 9.59
C VAL B 89 32.88 0.53 8.67
N GLU B 90 34.08 0.07 9.01
CA GLU B 90 35.31 0.24 8.19
C GLU B 90 35.04 -0.27 6.77
N PHE B 91 34.48 -1.47 6.64
CA PHE B 91 34.18 -2.10 5.32
C PHE B 91 33.20 -1.22 4.54
N ILE B 92 32.10 -0.80 5.18
CA ILE B 92 31.00 -0.02 4.52
C ILE B 92 31.55 1.33 4.06
N LEU B 93 32.38 1.99 4.87
CA LEU B 93 33.03 3.28 4.52
C LEU B 93 33.78 3.15 3.19
N GLU B 94 34.49 2.03 2.99
CA GLU B 94 35.45 1.83 1.88
C GLU B 94 34.77 1.25 0.63
N ASN B 95 33.60 0.62 0.76
CA ASN B 95 33.01 -0.23 -0.31
C ASN B 95 31.67 0.33 -0.82
N THR B 96 31.20 1.44 -0.25
CA THR B 96 30.04 2.22 -0.76
C THR B 96 30.27 3.69 -0.41
N THR B 97 29.55 4.59 -1.08
CA THR B 97 29.56 6.04 -0.84
C THR B 97 28.32 6.45 -0.01
N ALA B 98 27.46 5.49 0.32
CA ALA B 98 26.14 5.74 0.95
C ALA B 98 26.31 6.08 2.43
N PRO B 99 25.36 6.85 3.02
CA PRO B 99 25.29 6.98 4.47
C PRO B 99 24.90 5.62 5.04
N PHE B 100 25.08 5.43 6.34
CA PHE B 100 24.75 4.17 7.04
C PHE B 100 24.33 4.46 8.48
N LEU B 101 23.53 3.54 9.05
CA LEU B 101 23.16 3.54 10.49
C LEU B 101 24.21 2.71 11.24
N LEU B 102 24.78 3.28 12.31
CA LEU B 102 25.51 2.52 13.35
C LEU B 102 24.47 1.87 14.26
N ASP B 103 24.26 0.56 14.13
CA ASP B 103 23.10 -0.15 14.73
C ASP B 103 23.60 -1.31 15.60
N SER B 104 23.08 -1.39 16.82
CA SER B 104 23.17 -2.56 17.72
C SER B 104 22.00 -2.50 18.70
N ILE B 105 21.49 -3.67 19.12
CA ILE B 105 20.50 -3.80 20.22
C ILE B 105 21.20 -3.44 21.54
N SER B 106 22.52 -3.58 21.62
CA SER B 106 23.35 -3.28 22.80
C SER B 106 23.91 -1.86 22.72
N PRO B 107 23.47 -0.93 23.62
CA PRO B 107 24.05 0.41 23.67
C PRO B 107 25.59 0.42 23.83
N ASP B 108 26.12 -0.50 24.64
CA ASP B 108 27.58 -0.63 24.92
C ASP B 108 28.33 -0.91 23.61
N VAL B 109 27.75 -1.68 22.70
CA VAL B 109 28.36 -2.04 21.38
C VAL B 109 28.42 -0.79 20.50
N ARG B 110 27.31 -0.05 20.41
CA ARG B 110 27.22 1.22 19.64
C ARG B 110 28.27 2.20 20.15
N VAL B 111 28.33 2.41 21.47
CA VAL B 111 29.23 3.40 22.14
C VAL B 111 30.68 2.97 21.92
N GLY B 112 31.01 1.70 22.19
CA GLY B 112 32.35 1.13 21.98
C GLY B 112 32.83 1.30 20.54
N ALA B 113 31.99 0.98 19.56
CA ALA B 113 32.31 1.07 18.12
C ALA B 113 32.56 2.54 17.75
N LEU B 114 31.70 3.43 18.22
CA LEU B 114 31.78 4.89 17.94
C LEU B 114 33.11 5.44 18.49
N LYS B 115 33.51 5.00 19.69
CA LYS B 115 34.80 5.40 20.34
C LYS B 115 35.99 4.99 19.45
N ASN B 116 35.94 3.81 18.82
CA ASN B 116 37.01 3.28 17.95
C ASN B 116 37.17 4.16 16.69
N LEU B 117 36.10 4.81 16.23
CA LEU B 117 36.05 5.56 14.95
C LEU B 117 36.57 7.00 15.16
N GLY B 118 36.62 7.49 16.40
CA GLY B 118 37.24 8.78 16.77
C GLY B 118 36.51 9.97 16.16
N LYS B 119 37.27 11.04 15.88
CA LYS B 119 36.80 12.27 15.19
C LYS B 119 37.20 12.19 13.71
N ASP B 120 36.23 11.93 12.83
CA ASP B 120 36.46 11.74 11.37
C ASP B 120 35.35 12.45 10.59
N PRO B 121 35.68 13.50 9.80
CA PRO B 121 34.67 14.22 9.03
C PRO B 121 33.81 13.32 8.12
N GLU B 122 34.35 12.19 7.64
CA GLU B 122 33.61 11.22 6.79
C GLU B 122 32.56 10.50 7.65
N ILE B 123 32.92 10.12 8.88
CA ILE B 123 32.00 9.51 9.88
C ILE B 123 30.87 10.51 10.20
N GLN B 124 31.23 11.77 10.39
CA GLN B 124 30.29 12.86 10.77
C GLN B 124 29.28 13.10 9.63
N LYS B 125 29.71 12.95 8.36
CA LYS B 125 28.85 13.16 7.16
C LYS B 125 27.97 11.93 6.89
N ARG B 126 28.48 10.73 7.15
CA ARG B 126 27.88 9.46 6.64
C ARG B 126 27.24 8.64 7.76
N LEU B 127 27.74 8.70 9.00
CA LEU B 127 27.26 7.84 10.11
C LEU B 127 26.03 8.48 10.77
N ILE B 128 24.92 7.73 10.79
CA ILE B 128 23.66 8.07 11.52
C ILE B 128 23.56 7.14 12.74
N TYR B 129 23.46 7.70 13.94
CA TYR B 129 23.36 6.93 15.21
C TYR B 129 21.98 6.28 15.29
N ASN B 130 21.93 4.95 15.42
CA ASN B 130 20.68 4.15 15.56
C ASN B 130 20.77 3.36 16.87
N SER B 131 20.24 3.91 17.99
CA SER B 131 19.41 5.11 18.00
C SER B 131 19.49 5.79 19.37
N ILE B 132 18.96 7.01 19.46
CA ILE B 132 18.53 7.64 20.75
C ILE B 132 17.18 7.02 21.10
N GLU B 133 17.15 6.22 22.17
CA GLU B 133 15.94 5.48 22.65
C GLU B 133 15.83 5.65 24.16
N GLU B 134 14.74 5.15 24.74
CA GLU B 134 14.31 5.44 26.15
C GLU B 134 15.43 5.19 27.15
N HIS B 135 16.33 4.22 26.90
CA HIS B 135 17.38 3.78 27.86
C HIS B 135 18.69 4.58 27.70
N TYR B 136 18.66 5.74 27.01
CA TYR B 136 19.87 6.56 26.75
C TYR B 136 20.53 6.93 28.09
N THR B 137 21.87 6.97 28.09
CA THR B 137 22.70 7.41 29.25
C THR B 137 23.50 8.65 28.85
N GLU B 138 24.01 9.39 29.83
CA GLU B 138 24.85 10.60 29.61
C GLU B 138 26.16 10.17 28.92
N GLU B 139 26.69 9.00 29.25
CA GLU B 139 27.93 8.42 28.63
C GLU B 139 27.70 8.32 27.11
N GLU B 140 26.54 7.79 26.71
CA GLU B 140 26.15 7.60 25.29
C GLU B 140 26.07 8.96 24.59
N LEU B 141 25.40 9.94 25.19
CA LEU B 141 25.24 11.31 24.62
C LEU B 141 26.62 11.97 24.49
N ALA B 142 27.50 11.79 25.49
CA ALA B 142 28.88 12.34 25.50
C ALA B 142 29.69 11.71 24.36
N ALA B 143 29.58 10.39 24.16
CA ALA B 143 30.28 9.63 23.10
C ALA B 143 29.85 10.17 21.72
N ILE B 144 28.56 10.39 21.52
CA ILE B 144 27.98 10.95 20.26
C ILE B 144 28.57 12.34 20.02
N LYS B 145 28.57 13.20 21.05
CA LYS B 145 29.07 14.60 20.97
C LYS B 145 30.56 14.58 20.64
N GLU B 146 31.33 13.69 21.29
CA GLU B 146 32.80 13.52 21.08
C GLU B 146 33.09 13.12 19.62
N ALA B 147 32.23 12.28 19.03
CA ALA B 147 32.33 11.82 17.62
C ALA B 147 31.89 12.96 16.67
N GLY B 148 31.07 13.90 17.17
CA GLY B 148 30.62 15.08 16.41
C GLY B 148 29.53 14.73 15.40
N LEU B 149 28.74 13.68 15.69
CA LEU B 149 27.62 13.22 14.82
C LEU B 149 26.57 14.33 14.76
N LYS B 150 25.86 14.45 13.64
CA LYS B 150 24.84 15.51 13.41
C LYS B 150 23.47 14.89 13.12
N THR B 151 23.40 13.61 12.77
CA THR B 151 22.14 12.89 12.48
C THR B 151 22.01 11.64 13.36
N ALA B 152 20.81 11.43 13.91
CA ALA B 152 20.46 10.23 14.71
C ALA B 152 19.05 9.78 14.35
N VAL B 153 18.83 8.47 14.38
CA VAL B 153 17.47 7.88 14.48
C VAL B 153 17.01 8.14 15.91
N ILE B 154 15.81 8.69 16.08
CA ILE B 154 15.14 8.90 17.39
C ILE B 154 14.01 7.86 17.47
N LEU B 155 14.23 6.82 18.28
CA LEU B 155 13.36 5.61 18.34
C LEU B 155 12.40 5.74 19.52
N ALA B 156 11.09 5.84 19.25
CA ALA B 156 10.02 5.95 20.28
C ALA B 156 9.44 4.56 20.59
N PHE B 157 10.06 3.48 20.13
CA PHE B 157 9.69 2.08 20.51
C PHE B 157 9.80 1.96 22.03
N SER B 158 8.65 1.83 22.70
CA SER B 158 8.56 1.59 24.16
C SER B 158 7.20 0.94 24.47
N LYS B 159 7.21 -0.14 25.26
CA LYS B 159 5.97 -0.85 25.67
C LYS B 159 5.33 -0.09 26.85
N LYS B 160 5.92 1.05 27.25
CA LYS B 160 5.26 2.06 28.13
C LYS B 160 4.61 3.16 27.28
N ALA B 161 4.76 3.12 25.95
CA ALA B 161 4.24 4.13 25.00
C ALA B 161 3.67 3.44 23.77
N LEU B 162 2.48 2.85 23.90
CA LEU B 162 1.83 2.04 22.83
C LEU B 162 1.09 2.97 21.87
N LYS B 163 0.26 3.88 22.39
CA LYS B 163 -0.58 4.80 21.58
C LYS B 163 0.30 5.88 20.95
N PRO B 164 -0.04 6.37 19.74
CA PRO B 164 0.72 7.42 19.07
C PRO B 164 1.09 8.64 19.94
N ASN B 165 0.12 9.19 20.69
CA ASN B 165 0.32 10.41 21.51
C ASN B 165 1.30 10.12 22.66
N ALA B 166 1.32 8.87 23.16
CA ALA B 166 2.30 8.43 24.19
C ALA B 166 3.70 8.42 23.58
N ARG B 167 3.83 8.04 22.31
CA ARG B 167 5.13 8.01 21.58
C ARG B 167 5.60 9.44 21.32
N ILE B 168 4.66 10.36 21.04
CA ILE B 168 4.99 11.81 20.86
C ILE B 168 5.47 12.37 22.20
N ASP B 169 4.87 11.96 23.32
CA ASP B 169 5.28 12.36 24.70
C ASP B 169 6.72 11.92 24.95
N LEU B 170 7.09 10.71 24.50
CA LEU B 170 8.45 10.15 24.62
C LEU B 170 9.42 11.02 23.80
N LEU B 171 8.99 11.49 22.62
CA LEU B 171 9.81 12.31 21.70
C LEU B 171 10.00 13.73 22.26
N GLN B 172 8.90 14.42 22.60
CA GLN B 172 8.91 15.88 22.92
C GLN B 172 9.16 16.09 24.42
N GLY B 173 9.01 15.04 25.24
CA GLY B 173 9.17 15.11 26.70
C GLY B 173 7.84 15.36 27.39
N LYS B 174 7.76 15.10 28.69
CA LYS B 174 6.52 15.18 29.49
C LYS B 174 6.90 15.06 30.97
N ASP B 175 6.29 15.88 31.83
CA ASP B 175 6.51 15.87 33.29
C ASP B 175 8.02 16.02 33.56
N ASP B 176 8.66 15.02 34.16
CA ASP B 176 10.07 15.08 34.62
C ASP B 176 11.03 14.56 33.53
N LYS B 177 10.51 14.24 32.34
CA LYS B 177 11.32 13.69 31.21
C LYS B 177 11.49 14.75 30.12
N GLU B 178 12.75 15.04 29.76
CA GLU B 178 13.13 16.00 28.67
C GLU B 178 12.66 15.47 27.31
N GLY B 179 12.59 14.15 27.15
CA GLY B 179 12.20 13.50 25.89
C GLY B 179 13.41 13.24 25.00
N LEU B 180 13.23 12.44 23.94
CA LEU B 180 14.36 11.89 23.14
C LEU B 180 14.98 12.98 22.24
N ILE B 181 14.17 13.90 21.71
CA ILE B 181 14.65 15.02 20.83
C ILE B 181 15.60 15.90 21.64
N ALA B 182 15.19 16.30 22.85
CA ALA B 182 15.98 17.16 23.77
C ALA B 182 17.30 16.46 24.11
N ALA B 183 17.25 15.14 24.37
CA ALA B 183 18.43 14.31 24.69
C ALA B 183 19.39 14.33 23.49
N ALA B 184 18.87 14.12 22.28
CA ALA B 184 19.64 14.13 21.02
C ALA B 184 20.35 15.49 20.86
N LYS B 185 19.65 16.59 21.12
CA LYS B 185 20.19 17.97 20.95
C LYS B 185 21.36 18.19 21.93
N ARG B 186 21.29 17.65 23.14
CA ARG B 186 22.36 17.77 24.17
C ARG B 186 23.61 17.01 23.72
N ALA B 187 23.45 16.01 22.84
CA ALA B 187 24.54 15.22 22.23
C ALA B 187 25.06 15.92 20.96
N GLY B 188 24.47 17.05 20.57
CA GLY B 188 24.90 17.86 19.42
C GLY B 188 24.22 17.45 18.12
N ILE B 189 23.26 16.52 18.19
CA ILE B 189 22.45 16.08 17.00
C ILE B 189 21.59 17.28 16.57
N GLU B 190 21.55 17.57 15.27
CA GLU B 190 20.79 18.70 14.67
C GLU B 190 19.76 18.16 13.67
N GLN B 191 19.84 16.88 13.29
CA GLN B 191 18.96 16.24 12.28
C GLN B 191 18.40 14.95 12.90
N PHE B 192 17.07 14.82 12.89
CA PHE B 192 16.30 13.78 13.63
C PHE B 192 15.50 12.96 12.63
N LEU B 193 15.88 11.69 12.45
CA LEU B 193 15.09 10.67 11.71
C LEU B 193 14.24 9.92 12.72
N VAL B 194 12.95 10.25 12.79
CA VAL B 194 12.04 9.77 13.87
C VAL B 194 11.42 8.44 13.44
N ASP B 195 11.64 7.40 14.26
CA ASP B 195 11.12 6.03 14.09
C ASP B 195 10.25 5.75 15.31
N PRO B 196 8.91 5.85 15.22
CA PRO B 196 8.05 5.59 16.38
C PRO B 196 8.06 4.13 16.86
N GLY B 197 8.69 3.23 16.09
CA GLY B 197 8.79 1.79 16.40
C GLY B 197 7.59 1.02 15.88
N VAL B 198 7.74 -0.27 15.65
CA VAL B 198 6.66 -1.19 15.20
C VAL B 198 6.53 -2.32 16.24
N LEU B 199 5.42 -2.33 16.97
CA LEU B 199 5.12 -3.31 18.05
C LEU B 199 4.69 -4.64 17.43
N ASP B 200 3.89 -4.58 16.36
CA ASP B 200 3.40 -5.76 15.60
C ASP B 200 2.85 -5.26 14.26
N VAL B 201 2.35 -6.16 13.40
CA VAL B 201 1.96 -5.81 12.01
C VAL B 201 0.75 -4.87 12.04
N ALA B 202 -0.31 -5.22 12.78
CA ALA B 202 -1.58 -4.46 12.85
C ALA B 202 -1.33 -3.03 13.35
N SER B 203 -0.45 -2.87 14.34
CA SER B 203 -0.16 -1.57 15.00
C SER B 203 0.81 -0.73 14.16
N ASN B 204 1.15 -1.17 12.94
CA ASN B 204 1.91 -0.37 11.95
C ASN B 204 1.10 0.88 11.58
N SER B 205 -0.23 0.82 11.67
CA SER B 205 -1.14 1.99 11.49
C SER B 205 -0.95 3.00 12.63
N TRP B 206 -0.71 2.52 13.85
CA TRP B 206 -0.37 3.37 15.02
C TRP B 206 1.02 4.01 14.82
N THR B 207 2.00 3.23 14.37
CA THR B 207 3.34 3.73 14.00
C THR B 207 3.18 4.88 13.00
N THR B 208 2.33 4.66 11.98
CA THR B 208 2.08 5.61 10.88
C THR B 208 1.37 6.86 11.41
N GLU B 209 0.42 6.69 12.34
CA GLU B 209 -0.28 7.82 13.02
C GLU B 209 0.76 8.67 13.76
N ALA B 210 1.74 8.04 14.42
CA ALA B 210 2.82 8.72 15.15
C ALA B 210 3.70 9.50 14.16
N ILE B 211 4.05 8.89 13.03
CA ILE B 211 4.83 9.56 11.93
C ILE B 211 4.05 10.81 11.49
N ASN B 212 2.75 10.68 11.26
CA ASN B 212 1.87 11.79 10.79
C ASN B 212 1.93 12.95 11.80
N VAL B 213 1.81 12.67 13.10
CA VAL B 213 1.83 13.71 14.16
C VAL B 213 3.20 14.41 14.15
N VAL B 214 4.29 13.65 14.01
CA VAL B 214 5.69 14.20 13.96
C VAL B 214 5.79 15.20 12.80
N LYS B 215 5.37 14.81 11.59
CA LYS B 215 5.45 15.66 10.38
C LYS B 215 4.44 16.82 10.49
N GLU B 216 3.28 16.59 11.12
CA GLU B 216 2.23 17.62 11.32
C GLU B 216 2.74 18.73 12.24
N GLN B 217 3.46 18.37 13.32
CA GLN B 217 3.78 19.31 14.43
C GLN B 217 5.25 19.78 14.36
N PHE B 218 6.19 18.89 14.04
CA PHE B 218 7.65 19.17 14.13
C PHE B 218 8.29 19.27 12.74
N GLY B 219 7.76 18.55 11.75
CA GLY B 219 8.27 18.54 10.37
C GLY B 219 9.55 17.72 10.21
N TYR B 220 9.88 16.88 11.21
CA TYR B 220 11.04 15.95 11.15
C TYR B 220 10.69 14.80 10.22
N PRO B 221 11.66 14.28 9.43
CA PRO B 221 11.44 13.06 8.65
C PRO B 221 11.01 11.90 9.56
N GLY B 222 10.00 11.15 9.11
CA GLY B 222 9.43 10.00 9.83
C GLY B 222 9.51 8.74 9.02
N GLY B 223 9.81 7.62 9.68
CA GLY B 223 9.85 6.28 9.06
C GLY B 223 9.68 5.21 10.12
N CYS B 224 9.80 3.94 9.71
CA CYS B 224 9.68 2.80 10.65
C CYS B 224 10.37 1.57 10.08
N ALA B 225 10.46 0.52 10.91
CA ALA B 225 11.24 -0.71 10.68
C ALA B 225 10.33 -1.91 10.93
N PRO B 226 9.40 -2.22 10.00
CA PRO B 226 8.41 -3.27 10.22
C PRO B 226 8.86 -4.71 9.93
N SER B 227 10.12 -4.92 9.55
CA SER B 227 10.63 -6.24 9.07
C SER B 227 10.48 -7.30 10.16
N ASN B 228 10.95 -7.02 11.39
CA ASN B 228 10.90 -7.98 12.53
C ASN B 228 9.44 -8.43 12.74
N ALA B 229 8.50 -7.49 12.71
CA ALA B 229 7.05 -7.73 12.92
C ALA B 229 6.54 -8.69 11.83
N VAL B 230 6.95 -8.47 10.58
CA VAL B 230 6.52 -9.29 9.41
C VAL B 230 7.12 -10.71 9.54
N TYR B 231 8.39 -10.82 9.90
CA TYR B 231 9.11 -12.11 10.04
C TYR B 231 8.54 -12.93 11.19
N LEU B 232 7.97 -12.28 12.22
CA LEU B 232 7.36 -12.97 13.39
C LEU B 232 5.90 -13.35 13.12
N TRP B 233 5.36 -12.98 11.95
CA TRP B 233 3.99 -13.31 11.50
C TRP B 233 3.99 -14.73 10.90
N LYS B 234 3.99 -15.75 11.77
CA LYS B 234 4.13 -17.19 11.40
C LYS B 234 3.08 -17.59 10.37
N LYS B 235 1.83 -17.17 10.56
CA LYS B 235 0.65 -17.59 9.75
C LYS B 235 0.88 -17.22 8.29
N MET B 236 1.41 -16.02 8.02
CA MET B 236 1.64 -15.49 6.64
C MET B 236 2.99 -16.00 6.11
N ARG B 237 4.02 -16.04 6.96
CA ARG B 237 5.38 -16.52 6.59
C ARG B 237 5.33 -17.99 6.16
N SER B 238 4.46 -18.78 6.81
CA SER B 238 4.21 -20.21 6.53
C SER B 238 3.79 -20.44 5.07
N LYS B 239 3.15 -19.45 4.43
CA LYS B 239 2.57 -19.59 3.07
C LYS B 239 3.66 -19.51 2.00
N GLY B 240 4.83 -18.94 2.31
CA GLY B 240 5.98 -18.85 1.37
C GLY B 240 5.76 -17.80 0.29
N THR B 241 6.49 -17.92 -0.81
CA THR B 241 6.54 -16.96 -1.96
C THR B 241 5.39 -17.27 -2.92
N PRO B 242 4.68 -16.27 -3.48
CA PRO B 242 4.90 -14.85 -3.21
C PRO B 242 4.06 -14.21 -2.09
N PHE B 243 3.40 -15.03 -1.26
CA PHE B 243 2.36 -14.59 -0.29
C PHE B 243 3.01 -13.75 0.82
N PHE B 244 4.17 -14.19 1.30
CA PHE B 244 4.97 -13.49 2.32
C PHE B 244 5.42 -12.12 1.79
N GLU B 245 5.86 -12.05 0.53
CA GLU B 245 6.41 -10.82 -0.09
C GLU B 245 5.30 -9.77 -0.29
N VAL B 246 4.14 -10.16 -0.79
CA VAL B 246 3.00 -9.20 -1.04
C VAL B 246 2.49 -8.68 0.31
N ALA B 247 2.44 -9.54 1.34
CA ALA B 247 2.02 -9.17 2.71
C ALA B 247 3.02 -8.16 3.28
N GLY B 248 4.32 -8.48 3.20
CA GLY B 248 5.43 -7.56 3.56
C GLY B 248 5.35 -6.25 2.80
N ALA B 249 5.04 -6.31 1.50
CA ALA B 249 4.91 -5.13 0.60
C ALA B 249 3.76 -4.23 1.10
N ALA B 250 2.62 -4.83 1.46
CA ALA B 250 1.45 -4.10 2.02
C ALA B 250 1.87 -3.38 3.31
N VAL B 251 2.64 -4.04 4.17
CA VAL B 251 3.11 -3.50 5.48
C VAL B 251 4.11 -2.36 5.23
N PHE B 252 5.11 -2.60 4.37
CA PHE B 252 6.23 -1.67 4.10
C PHE B 252 5.73 -0.41 3.35
N THR B 253 4.75 -0.55 2.46
CA THR B 253 4.23 0.57 1.63
C THR B 253 3.20 1.40 2.42
N TYR B 254 2.53 0.81 3.42
CA TYR B 254 1.41 1.48 4.13
C TYR B 254 1.86 2.84 4.69
N PRO B 255 2.98 2.94 5.44
CA PRO B 255 3.38 4.23 6.00
C PRO B 255 3.67 5.26 4.90
N ILE B 256 4.18 4.81 3.75
CA ILE B 256 4.49 5.67 2.57
C ILE B 256 3.17 6.24 2.02
N THR B 257 2.09 5.45 1.98
CA THR B 257 0.76 5.90 1.51
C THR B 257 0.22 7.01 2.42
N GLN B 258 0.72 7.09 3.66
CA GLN B 258 0.28 8.08 4.69
C GLN B 258 1.36 9.14 4.89
N GLY B 259 2.39 9.18 4.04
CA GLY B 259 3.30 10.34 3.89
C GLY B 259 4.66 10.16 4.57
N ALA B 260 5.03 8.93 4.97
CA ALA B 260 6.33 8.63 5.62
C ALA B 260 7.48 8.83 4.62
N ASP B 261 8.71 9.01 5.13
CA ASP B 261 9.89 9.48 4.34
C ASP B 261 10.90 8.35 4.14
N PHE B 262 10.95 7.37 5.03
CA PHE B 262 11.96 6.26 4.96
C PHE B 262 11.36 4.98 5.54
N ILE B 263 11.86 3.84 5.07
CA ILE B 263 11.54 2.48 5.57
C ILE B 263 12.85 1.71 5.77
N LEU B 264 13.04 1.15 6.96
CA LEU B 264 13.99 0.05 7.22
C LEU B 264 13.28 -1.25 6.85
N TYR B 265 13.64 -1.85 5.72
CA TYR B 265 12.85 -2.94 5.06
C TYR B 265 13.37 -4.32 5.48
N GLY B 266 14.39 -4.37 6.33
CA GLY B 266 14.98 -5.61 6.86
C GLY B 266 16.17 -6.07 6.03
N PRO B 267 16.47 -7.39 5.99
CA PRO B 267 17.62 -7.90 5.24
C PRO B 267 17.73 -7.38 3.81
N MET B 268 18.94 -6.96 3.43
CA MET B 268 19.25 -6.38 2.09
C MET B 268 18.87 -7.36 0.97
N MET B 269 18.89 -8.67 1.22
CA MET B 269 18.54 -9.71 0.21
C MET B 269 17.10 -9.51 -0.29
N ASN B 270 16.25 -8.80 0.46
CA ASN B 270 14.83 -8.54 0.10
C ASN B 270 14.71 -7.28 -0.78
N ALA B 271 15.80 -6.53 -0.98
CA ALA B 271 15.84 -5.26 -1.74
C ALA B 271 15.18 -5.40 -3.11
N PRO B 272 15.47 -6.46 -3.90
CA PRO B 272 14.88 -6.59 -5.24
C PRO B 272 13.35 -6.45 -5.30
N TRP B 273 12.60 -7.02 -4.37
CA TRP B 273 11.11 -6.89 -4.39
C TRP B 273 10.68 -5.64 -3.61
N VAL B 274 11.43 -5.23 -2.58
CA VAL B 274 11.08 -4.04 -1.74
C VAL B 274 11.14 -2.78 -2.61
N TYR B 275 12.20 -2.59 -3.40
CA TYR B 275 12.39 -1.41 -4.27
C TYR B 275 11.24 -1.33 -5.28
N ARG B 276 10.83 -2.48 -5.83
CA ARG B 276 9.80 -2.57 -6.90
C ARG B 276 8.44 -2.14 -6.32
N ALA B 277 8.11 -2.55 -5.09
CA ALA B 277 6.85 -2.19 -4.40
C ALA B 277 6.86 -0.71 -3.98
N ILE B 278 7.90 -0.29 -3.27
CA ILE B 278 8.01 1.11 -2.73
C ILE B 278 8.02 2.12 -3.88
N ALA B 279 8.78 1.85 -4.95
CA ALA B 279 8.87 2.72 -6.14
C ALA B 279 7.47 2.94 -6.74
N THR B 280 6.65 1.88 -6.74
CA THR B 280 5.26 1.90 -7.28
C THR B 280 4.42 2.88 -6.46
N THR B 281 4.45 2.75 -5.14
CA THR B 281 3.71 3.63 -4.19
C THR B 281 4.20 5.08 -4.38
N ASP B 282 5.52 5.29 -4.44
CA ASP B 282 6.15 6.63 -4.62
C ASP B 282 5.61 7.29 -5.90
N ALA B 283 5.56 6.55 -7.00
CA ALA B 283 5.14 7.05 -8.33
C ALA B 283 3.70 7.56 -8.26
N MET B 284 2.82 6.82 -7.59
CA MET B 284 1.39 7.18 -7.43
C MET B 284 1.26 8.42 -6.53
N ILE B 285 2.02 8.50 -5.43
CA ILE B 285 1.98 9.67 -4.51
C ILE B 285 2.43 10.93 -5.27
N ALA B 286 3.53 10.86 -6.01
CA ALA B 286 4.12 12.02 -6.73
C ALA B 286 3.15 12.52 -7.81
N TYR B 287 2.41 11.62 -8.46
CA TYR B 287 1.41 11.97 -9.52
C TYR B 287 0.34 12.88 -8.91
N ASN B 288 0.12 12.81 -7.60
CA ASN B 288 -0.87 13.59 -6.81
C ASN B 288 -0.38 15.03 -6.53
N ASN B 289 0.88 15.36 -6.84
CA ASN B 289 1.57 16.60 -6.39
C ASN B 289 0.76 17.85 -6.78
N LYS B 290 0.15 17.86 -7.98
CA LYS B 290 -0.67 19.01 -8.46
C LYS B 290 -1.82 19.27 -7.48
N LEU B 291 -2.46 18.20 -6.99
CA LEU B 291 -3.65 18.29 -6.10
C LEU B 291 -3.23 18.78 -4.71
N THR B 292 -2.02 18.45 -4.26
CA THR B 292 -1.50 18.75 -2.90
C THR B 292 -0.77 20.10 -2.89
N GLY B 293 -0.33 20.59 -4.05
CA GLY B 293 0.41 21.86 -4.22
C GLY B 293 1.90 21.67 -4.02
N VAL B 294 2.38 20.42 -4.08
CA VAL B 294 3.80 20.04 -3.84
C VAL B 294 4.55 20.05 -5.18
N LYS B 295 5.83 20.42 -5.15
CA LYS B 295 6.78 20.31 -6.30
C LYS B 295 7.81 19.23 -5.98
N MET B 296 8.06 18.32 -6.92
CA MET B 296 9.20 17.36 -6.86
C MET B 296 10.48 18.15 -6.62
N GLY B 297 11.32 17.72 -5.67
CA GLY B 297 12.60 18.35 -5.36
C GLY B 297 13.74 17.77 -6.17
N THR B 298 13.46 16.75 -6.99
CA THR B 298 14.47 15.99 -7.79
C THR B 298 13.78 15.32 -8.99
N THR B 299 14.54 15.10 -10.07
CA THR B 299 14.11 14.38 -11.29
C THR B 299 14.42 12.89 -11.13
N GLU B 300 15.29 12.54 -10.17
CA GLU B 300 15.59 11.14 -9.79
C GLU B 300 14.46 10.62 -8.91
N HIS B 301 13.32 10.31 -9.54
CA HIS B 301 12.06 9.90 -8.85
C HIS B 301 11.40 8.74 -9.58
N PRO B 302 10.90 7.71 -8.86
CA PRO B 302 10.21 6.57 -9.48
C PRO B 302 9.20 6.93 -10.57
N LEU B 303 8.39 7.97 -10.37
CA LEU B 303 7.35 8.42 -11.35
C LEU B 303 7.98 8.62 -12.74
N LEU B 304 9.23 9.09 -12.79
CA LEU B 304 9.91 9.47 -14.06
C LEU B 304 10.84 8.36 -14.55
N LYS B 305 10.86 7.18 -13.90
CA LYS B 305 11.91 6.16 -14.14
C LYS B 305 11.32 4.77 -14.41
N ILE B 306 10.27 4.35 -13.70
CA ILE B 306 9.88 2.91 -13.58
C ILE B 306 8.87 2.50 -14.65
N PHE B 307 8.35 3.43 -15.47
CA PHE B 307 7.31 3.14 -16.50
C PHE B 307 7.93 3.19 -17.91
C1 GOL C . -35.96 3.42 -18.95
O1 GOL C . -37.26 2.88 -19.10
C2 GOL C . -35.90 4.86 -19.39
O2 GOL C . -36.25 4.96 -20.78
C3 GOL C . -36.79 5.77 -18.58
O3 GOL C . -36.68 7.13 -18.99
C1 GOL D . -15.64 -29.34 -19.97
O1 GOL D . -15.92 -27.94 -19.93
C2 GOL D . -14.32 -29.67 -19.31
O2 GOL D . -14.18 -31.08 -19.17
C3 GOL D . -14.18 -29.01 -17.94
O3 GOL D . -15.38 -29.16 -17.18
C1 GOL E . -19.09 -25.62 -21.93
O1 GOL E . -18.67 -24.63 -22.86
C2 GOL E . -18.50 -26.98 -22.26
O2 GOL E . -18.54 -27.81 -21.09
C3 GOL E . -19.21 -27.68 -23.39
O3 GOL E . -18.35 -28.60 -24.07
C1 GOL F . 26.12 8.06 33.06
O1 GOL F . 26.21 7.62 31.71
C2 GOL F . 24.74 7.84 33.63
O2 GOL F . 23.77 8.52 32.83
C3 GOL F . 24.37 6.37 33.75
O3 GOL F . 22.98 6.18 33.96
C1 GOL G . 1.45 -10.00 13.67
O1 GOL G . 2.52 -9.29 14.29
C2 GOL G . 0.68 -10.84 14.68
O2 GOL G . -0.11 -9.99 15.50
C3 GOL G . 1.56 -11.72 15.53
O3 GOL G . 2.90 -11.79 15.03
#